data_8D86
#
_entry.id   8D86
#
_cell.length_a   74.150
_cell.length_b   132.731
_cell.length_c   134.261
_cell.angle_alpha   90.000
_cell.angle_beta   90.000
_cell.angle_gamma   90.000
#
_symmetry.space_group_name_H-M   'I 2 2 2'
#
loop_
_entity.id
_entity.type
_entity.pdbx_description
1 polymer "DNA (5'-D(A*CP*CP*CP*GP*GP*AP*CP*CP*TP*GP*TP*GP*AP*CP*AP*AP*AP*TP*TP*GP*CP*CP*CP*TP*CP*AP*GP*AP*CP*GP*G)-3')"
2 polymer "DNA (5'-D(A*GP*GP*CP*CP*GP*TP*CP*TP*GP*AP*GP*GP*GP*CP*AP*AP*TP*TP*TP*GP*TP*CP*AP*CP*AP*GP*GP*TP*CP*CP*G)-3')"
3 polymer 'Replication initiation protein'
4 non-polymer 'MAGNESIUM ION'
5 non-polymer NETROPSIN
6 water water
#
loop_
_entity_poly.entity_id
_entity_poly.type
_entity_poly.pdbx_seq_one_letter_code
_entity_poly.pdbx_strand_id
1 'polydeoxyribonucleotide'
;(DA)(DC)(DC)(DC)(DG)(DG)(DA)(DC)(DC)(DT)(DG)(DT)(DG)(DA)(DC)(DA)(DA)(DA)(DT)(DT)
(DG)(DC)(DC)(DC)(DT)(DC)(DA)(DG)(DA)(DC)(DG)(DG)
;
A
2 'polydeoxyribonucleotide'
;(DA)(DG)(DG)(DC)(DC)(DG)(DT)(DC)(DT)(DG)(DA)(DG)(DG)(DG)(DC)(DA)(DA)(DT)(DT)(DT)
(DG)(DT)(DC)(DA)(DC)(DA)(DG)(DG)(DT)(DC)(DC)(DG)
;
B
3 'polypeptide(L)'
;MRGSHHHHHHGSMAETAVINHKKRKNSPRIVQSNDLTEAAYSLSRDQKRMLYLFVDQIRKSDGTLQEHDGICEIHVAKYA
EIFGLTSAEASKDIRQALKSFAGKEVVFYRPEEDAGDEKGYESFPWFIKPAHSPSRGLYSVHINPYLIPFFIGLQNRFTQ
FRLSETKEITNPYAMRLYESLCQYRKPDGSGIVSLKIDWIIERYQLPQSYQRMPDFRRRFLQVCVNEINSRTPMRLSYIE
KKKGRQTTHIVFSFRDITSMTTG
;
C
#
# COMPACT_ATOMS: atom_id res chain seq x y z
N ASN C 26 17.59 -10.73 5.79
CA ASN C 26 17.07 -9.85 6.83
C ASN C 26 15.59 -10.02 6.98
N SER C 27 14.89 -8.95 6.69
CA SER C 27 13.47 -8.83 6.97
C SER C 27 12.64 -9.43 5.84
N PRO C 28 11.37 -9.68 6.12
CA PRO C 28 10.49 -10.42 5.18
C PRO C 28 10.36 -9.74 3.83
N ARG C 29 10.47 -10.55 2.76
CA ARG C 29 10.33 -10.02 1.40
C ARG C 29 8.88 -10.17 0.94
N ILE C 30 8.15 -9.04 0.88
CA ILE C 30 6.78 -8.99 0.34
C ILE C 30 6.86 -9.05 -1.18
N VAL C 31 6.04 -9.89 -1.81
CA VAL C 31 5.87 -9.85 -3.26
C VAL C 31 4.38 -9.85 -3.55
N GLN C 32 3.97 -9.18 -4.63
CA GLN C 32 2.55 -9.12 -5.01
C GLN C 32 2.37 -8.84 -6.50
N SER C 33 1.28 -9.38 -7.04
CA SER C 33 0.90 -9.13 -8.43
C SER C 33 0.71 -7.66 -8.71
N ASN C 34 1.16 -7.24 -9.90
CA ASN C 34 0.96 -5.86 -10.30
C ASN C 34 -0.51 -5.43 -10.25
N ASP C 35 -1.43 -6.39 -10.39
CA ASP C 35 -2.86 -6.10 -10.36
C ASP C 35 -3.34 -5.55 -9.02
N LEU C 36 -2.69 -5.95 -7.94
CA LEU C 36 -3.04 -5.42 -6.64
C LEU C 36 -2.45 -4.02 -6.48
N THR C 37 -1.23 -3.81 -6.97
CA THR C 37 -0.57 -2.52 -6.94
C THR C 37 -1.41 -1.43 -7.62
N GLU C 38 -2.13 -1.79 -8.69
CA GLU C 38 -2.92 -0.89 -9.53
C GLU C 38 -4.44 -0.98 -9.29
N ALA C 39 -4.88 -1.66 -8.23
CA ALA C 39 -6.31 -1.77 -7.90
C ALA C 39 -6.83 -0.48 -7.30
N ALA C 40 -8.17 -0.31 -7.34
CA ALA C 40 -8.85 0.83 -6.71
C ALA C 40 -9.35 0.45 -5.33
N TYR C 41 -8.87 1.14 -4.31
CA TYR C 41 -9.29 0.88 -2.94
C TYR C 41 -8.85 2.03 -2.04
N SER C 42 -9.44 2.02 -0.85
CA SER C 42 -9.15 3.00 0.16
C SER C 42 -8.85 2.30 1.49
N LEU C 43 -7.59 2.23 1.92
CA LEU C 43 -7.28 1.64 3.22
C LEU C 43 -6.44 2.58 4.08
N SER C 44 -6.60 2.50 5.41
CA SER C 44 -5.74 3.29 6.29
C SER C 44 -4.36 2.69 6.39
N ARG C 45 -3.44 3.42 7.01
CA ARG C 45 -2.10 2.88 7.23
C ARG C 45 -2.14 1.57 8.00
N ASP C 46 -2.82 1.55 9.13
CA ASP C 46 -2.82 0.35 9.93
C ASP C 46 -3.39 -0.85 9.15
N GLN C 47 -4.44 -0.63 8.36
CA GLN C 47 -5.01 -1.72 7.57
C GLN C 47 -4.02 -2.18 6.50
N LYS C 48 -3.33 -1.24 5.86
CA LYS C 48 -2.35 -1.67 4.86
C LYS C 48 -1.26 -2.48 5.52
N ARG C 49 -0.88 -2.12 6.75
CA ARG C 49 0.12 -2.90 7.48
C ARG C 49 -0.31 -4.36 7.69
N MET C 50 -1.50 -4.59 8.20
CA MET C 50 -2.02 -5.96 8.33
C MET C 50 -2.05 -6.67 6.99
N LEU C 51 -2.48 -5.98 5.95
CA LEU C 51 -2.61 -6.60 4.64
C LEU C 51 -1.26 -7.14 4.14
N TYR C 52 -0.14 -6.47 4.48
CA TYR C 52 1.15 -6.99 4.03
C TYR C 52 1.45 -8.35 4.65
N LEU C 53 1.05 -8.58 5.91
CA LEU C 53 1.34 -9.86 6.56
C LEU C 53 0.44 -10.97 6.04
N PHE C 54 -0.83 -10.67 5.77
CA PHE C 54 -1.71 -11.66 5.17
C PHE C 54 -1.14 -12.15 3.84
N VAL C 55 -0.72 -11.21 2.97
CA VAL C 55 -0.12 -11.61 1.70
C VAL C 55 1.07 -12.50 1.95
N ASP C 56 1.82 -12.22 3.00
CA ASP C 56 2.96 -13.07 3.34
C ASP C 56 2.53 -14.48 3.74
N GLN C 57 1.49 -14.60 4.58
CA GLN C 57 1.05 -15.90 5.04
C GLN C 57 0.53 -16.75 3.88
N ILE C 58 -0.43 -16.19 3.12
CA ILE C 58 -1.03 -16.86 1.97
C ILE C 58 0.02 -17.43 1.03
N ARG C 59 0.99 -16.60 0.65
CA ARG C 59 1.96 -16.96 -0.37
C ARG C 59 2.78 -18.19 0.06
N LYS C 60 2.99 -18.38 1.38
CA LYS C 60 3.72 -19.52 1.94
C LYS C 60 2.77 -20.71 2.05
N SER C 61 2.54 -21.35 0.89
CA SER C 61 1.70 -22.53 0.74
C SER C 61 2.00 -23.25 -0.59
N HIS C 68 -7.20 -21.65 -1.65
CA HIS C 68 -6.96 -22.86 -0.87
C HIS C 68 -7.43 -22.69 0.56
N ASP C 69 -6.69 -21.95 1.36
CA ASP C 69 -7.16 -21.74 2.72
C ASP C 69 -7.91 -20.42 2.81
N GLY C 70 -7.15 -19.38 3.07
CA GLY C 70 -7.58 -18.00 3.16
C GLY C 70 -7.87 -17.57 4.56
N ILE C 71 -7.74 -18.48 5.53
CA ILE C 71 -7.95 -18.19 6.94
C ILE C 71 -6.59 -17.78 7.51
N CYS C 72 -6.48 -16.54 8.01
CA CYS C 72 -5.22 -16.05 8.55
C CYS C 72 -5.27 -15.72 10.04
N GLU C 73 -4.09 -15.38 10.58
CA GLU C 73 -3.95 -15.16 12.01
C GLU C 73 -2.91 -14.07 12.31
N ILE C 74 -3.16 -13.32 13.38
CA ILE C 74 -2.26 -12.27 13.83
C ILE C 74 -2.08 -12.31 15.34
N HIS C 75 -0.83 -12.29 15.82
CA HIS C 75 -0.53 -12.22 17.25
C HIS C 75 -0.17 -10.80 17.60
N VAL C 76 -0.83 -10.25 18.63
CA VAL C 76 -0.57 -8.89 19.09
C VAL C 76 0.92 -8.70 19.37
N ALA C 77 1.53 -9.59 20.17
CA ALA C 77 2.90 -9.35 20.62
C ALA C 77 3.89 -9.32 19.46
N LYS C 78 3.63 -10.09 18.38
CA LYS C 78 4.47 -10.03 17.18
C LYS C 78 4.28 -8.73 16.38
N TYR C 79 3.04 -8.27 16.18
CA TYR C 79 2.80 -7.00 15.50
C TYR C 79 3.56 -5.88 16.19
N ALA C 80 3.49 -5.85 17.53
CA ALA C 80 4.16 -4.80 18.29
C ALA C 80 5.65 -4.78 18.04
N GLU C 81 6.29 -5.94 18.01
CA GLU C 81 7.72 -5.95 17.81
C GLU C 81 8.13 -5.51 16.39
N ILE C 82 7.37 -5.89 15.36
CA ILE C 82 7.73 -5.54 13.98
C ILE C 82 7.73 -4.03 13.78
N PHE C 83 6.67 -3.36 14.25
CA PHE C 83 6.45 -1.95 13.99
C PHE C 83 6.76 -1.07 15.18
N GLY C 84 7.49 -1.59 16.15
CA GLY C 84 7.89 -0.87 17.34
C GLY C 84 6.79 -0.17 18.11
N LEU C 85 5.70 -0.90 18.35
CA LEU C 85 4.60 -0.39 19.15
C LEU C 85 4.58 -1.17 20.46
N THR C 86 3.92 -0.59 21.47
CA THR C 86 3.60 -1.33 22.69
C THR C 86 2.47 -2.32 22.43
N SER C 87 2.29 -3.24 23.36
CA SER C 87 1.17 -4.18 23.24
C SER C 87 -0.17 -3.46 23.26
N ALA C 88 -0.31 -2.48 24.15
CA ALA C 88 -1.56 -1.73 24.23
C ALA C 88 -1.86 -1.05 22.91
N GLU C 89 -0.93 -0.26 22.38
CA GLU C 89 -1.26 0.44 21.15
C GLU C 89 -1.38 -0.51 19.97
N ALA C 90 -0.60 -1.59 19.92
CA ALA C 90 -0.83 -2.67 18.94
C ALA C 90 -2.25 -3.22 19.03
N SER C 91 -2.68 -3.64 20.23
CA SER C 91 -4.06 -4.09 20.42
C SER C 91 -5.08 -3.10 19.88
N LYS C 92 -4.90 -1.81 20.20
CA LYS C 92 -5.79 -0.78 19.68
C LYS C 92 -5.77 -0.75 18.16
N ASP C 93 -4.58 -0.86 17.57
CA ASP C 93 -4.47 -0.75 16.14
C ASP C 93 -5.17 -1.93 15.45
N ILE C 94 -4.88 -3.17 15.89
CA ILE C 94 -5.54 -4.33 15.29
C ILE C 94 -7.05 -4.23 15.37
N ARG C 95 -7.58 -4.01 16.58
CA ARG C 95 -9.03 -4.06 16.80
C ARG C 95 -9.78 -3.03 15.93
N GLN C 96 -9.32 -1.78 15.90
CA GLN C 96 -10.08 -0.76 15.20
C GLN C 96 -9.93 -0.92 13.69
N ALA C 97 -8.72 -1.25 13.21
CA ALA C 97 -8.48 -1.63 11.82
C ALA C 97 -9.48 -2.70 11.39
N LEU C 98 -9.65 -3.70 12.24
CA LEU C 98 -10.44 -4.86 11.90
C LEU C 98 -11.91 -4.52 11.71
N LYS C 99 -12.48 -3.70 12.61
CA LYS C 99 -13.89 -3.38 12.42
C LYS C 99 -14.12 -2.40 11.27
N SER C 100 -13.09 -1.72 10.79
CA SER C 100 -13.26 -0.83 9.67
C SER C 100 -13.14 -1.50 8.31
N PHE C 101 -12.86 -2.82 8.25
CA PHE C 101 -12.85 -3.49 6.95
C PHE C 101 -14.25 -3.70 6.41
N ALA C 102 -15.24 -3.82 7.30
CA ALA C 102 -16.61 -4.10 6.93
C ALA C 102 -17.11 -3.10 5.90
N GLY C 103 -17.70 -3.60 4.82
CA GLY C 103 -18.19 -2.76 3.76
C GLY C 103 -17.20 -2.30 2.72
N LYS C 104 -15.89 -2.45 2.97
CA LYS C 104 -14.84 -2.12 2.00
C LYS C 104 -14.84 -3.09 0.81
N GLU C 105 -14.52 -2.57 -0.39
CA GLU C 105 -14.55 -3.33 -1.64
C GLU C 105 -13.27 -3.01 -2.46
N VAL C 106 -12.90 -3.91 -3.39
CA VAL C 106 -11.66 -3.82 -4.17
C VAL C 106 -12.07 -3.94 -5.63
N VAL C 107 -11.49 -3.12 -6.51
CA VAL C 107 -11.87 -3.13 -7.92
C VAL C 107 -10.66 -3.40 -8.80
N PHE C 108 -10.78 -4.42 -9.67
CA PHE C 108 -9.76 -4.72 -10.68
C PHE C 108 -10.32 -4.36 -12.06
N TYR C 109 -9.60 -3.49 -12.78
CA TYR C 109 -10.07 -2.88 -14.02
C TYR C 109 -9.74 -3.68 -15.30
N TYR C 121 -14.46 -3.46 -15.44
CA TYR C 121 -13.94 -3.55 -14.08
C TYR C 121 -14.67 -4.63 -13.20
N GLU C 122 -14.06 -5.04 -12.08
CA GLU C 122 -14.59 -6.09 -11.20
C GLU C 122 -14.39 -5.80 -9.71
N SER C 123 -15.49 -5.86 -8.94
CA SER C 123 -15.49 -5.51 -7.53
C SER C 123 -15.66 -6.72 -6.61
N PHE C 124 -14.89 -6.75 -5.50
CA PHE C 124 -14.90 -7.82 -4.49
C PHE C 124 -14.86 -7.27 -3.07
N PRO C 125 -15.48 -7.95 -2.12
CA PRO C 125 -15.22 -7.64 -0.70
C PRO C 125 -13.95 -8.31 -0.19
N TRP C 126 -13.26 -7.61 0.71
CA TRP C 126 -12.05 -8.19 1.28
C TRP C 126 -12.38 -9.39 2.17
N PHE C 127 -13.32 -9.24 3.14
CA PHE C 127 -13.69 -10.27 4.12
C PHE C 127 -15.08 -10.79 3.84
N ILE C 128 -15.31 -12.08 4.07
CA ILE C 128 -16.65 -12.65 3.89
C ILE C 128 -17.25 -13.12 5.20
N LYS C 129 -16.58 -12.86 6.31
CA LYS C 129 -17.04 -13.16 7.66
C LYS C 129 -16.33 -12.21 8.61
N PRO C 130 -16.98 -11.77 9.68
CA PRO C 130 -16.30 -10.92 10.65
C PRO C 130 -15.10 -11.63 11.26
N ALA C 131 -14.12 -10.82 11.66
CA ALA C 131 -12.99 -11.32 12.42
C ALA C 131 -13.42 -11.74 13.81
N HIS C 132 -12.60 -12.57 14.45
CA HIS C 132 -12.91 -13.01 15.80
C HIS C 132 -11.63 -13.51 16.46
N SER C 133 -11.62 -13.48 17.78
CA SER C 133 -10.44 -13.84 18.55
C SER C 133 -10.65 -15.13 19.36
N PRO C 134 -10.07 -16.26 18.96
CA PRO C 134 -10.18 -17.45 19.82
C PRO C 134 -9.41 -17.34 21.14
N SER C 135 -8.20 -16.76 21.15
CA SER C 135 -7.41 -16.69 22.37
C SER C 135 -7.04 -15.25 22.66
N ARG C 136 -6.77 -14.98 23.93
CA ARG C 136 -6.33 -13.64 24.30
C ARG C 136 -4.98 -13.38 23.61
N GLY C 137 -4.90 -12.26 22.89
CA GLY C 137 -3.68 -11.91 22.16
C GLY C 137 -3.56 -12.50 20.76
N LEU C 138 -4.67 -13.00 20.18
CA LEU C 138 -4.72 -13.76 18.93
C LEU C 138 -5.95 -13.37 18.13
N TYR C 139 -5.79 -13.10 16.82
CA TYR C 139 -6.96 -12.81 16.00
C TYR C 139 -7.02 -13.73 14.78
N SER C 140 -8.22 -14.16 14.42
CA SER C 140 -8.49 -15.00 13.25
C SER C 140 -9.38 -14.30 12.23
N VAL C 141 -8.97 -14.32 10.95
CA VAL C 141 -9.66 -13.58 9.90
C VAL C 141 -9.87 -14.47 8.68
N HIS C 142 -10.95 -14.21 7.94
CA HIS C 142 -11.37 -15.02 6.79
C HIS C 142 -11.36 -14.19 5.49
N ILE C 143 -10.25 -14.18 4.77
CA ILE C 143 -10.12 -13.49 3.47
C ILE C 143 -10.93 -14.19 2.38
N ASN C 144 -11.56 -13.40 1.49
CA ASN C 144 -12.29 -13.83 0.30
C ASN C 144 -11.44 -14.79 -0.53
N PRO C 145 -11.77 -16.09 -0.56
CA PRO C 145 -10.95 -17.05 -1.36
C PRO C 145 -10.83 -16.74 -2.84
N TYR C 146 -11.76 -16.00 -3.45
CA TYR C 146 -11.63 -15.55 -4.84
C TYR C 146 -10.55 -14.49 -5.08
N LEU C 147 -9.99 -13.89 -4.01
CA LEU C 147 -8.91 -12.93 -4.15
C LEU C 147 -7.55 -13.59 -4.27
N ILE C 148 -7.45 -14.87 -3.85
CA ILE C 148 -6.17 -15.60 -3.84
C ILE C 148 -5.42 -15.46 -5.16
N PRO C 149 -6.03 -15.75 -6.32
CA PRO C 149 -5.25 -15.68 -7.57
C PRO C 149 -4.72 -14.31 -7.89
N PHE C 150 -5.36 -13.24 -7.40
CA PHE C 150 -4.85 -11.88 -7.60
C PHE C 150 -3.62 -11.61 -6.76
N PHE C 151 -3.44 -12.35 -5.66
CA PHE C 151 -2.26 -12.13 -4.84
C PHE C 151 -1.04 -12.76 -5.46
N ILE C 152 -1.19 -13.95 -6.03
CA ILE C 152 -0.07 -14.69 -6.57
C ILE C 152 -0.28 -14.86 -8.08
N GLY C 153 0.59 -14.25 -8.89
CA GLY C 153 0.45 -14.40 -10.32
C GLY C 153 1.49 -15.28 -10.98
N ARG C 157 5.42 -10.61 -14.25
CA ARG C 157 4.36 -9.62 -14.03
C ARG C 157 4.04 -9.40 -12.53
N PHE C 158 5.05 -9.02 -11.74
CA PHE C 158 4.95 -8.98 -10.27
C PHE C 158 5.81 -7.85 -9.67
N THR C 159 5.50 -7.50 -8.41
CA THR C 159 6.13 -6.43 -7.62
C THR C 159 6.75 -6.96 -6.35
N GLN C 160 7.91 -6.44 -5.94
CA GLN C 160 8.54 -6.95 -4.71
C GLN C 160 9.37 -5.93 -3.91
N PHE C 161 9.32 -6.03 -2.56
CA PHE C 161 10.03 -5.13 -1.64
C PHE C 161 10.09 -5.76 -0.25
N ARG C 162 11.16 -5.43 0.52
CA ARG C 162 11.29 -5.87 1.91
C ARG C 162 10.49 -4.96 2.85
N LEU C 163 9.96 -5.57 3.92
CA LEU C 163 9.01 -4.88 4.79
C LEU C 163 9.65 -3.72 5.57
N SER C 164 10.95 -3.84 5.86
CA SER C 164 11.66 -2.75 6.52
C SER C 164 11.71 -1.46 5.71
N GLU C 165 11.53 -1.52 4.40
CA GLU C 165 11.52 -0.30 3.58
C GLU C 165 10.33 0.62 3.83
N THR C 166 9.19 0.05 4.21
CA THR C 166 7.94 0.78 4.27
C THR C 166 7.37 0.99 5.66
N LYS C 167 7.99 0.42 6.69
CA LYS C 167 7.30 0.37 7.95
C LYS C 167 7.28 1.70 8.69
N GLU C 168 8.04 2.70 8.26
CA GLU C 168 7.94 4.02 8.88
C GLU C 168 7.06 5.03 8.12
N ILE C 169 6.59 4.73 6.92
CA ILE C 169 5.71 5.64 6.21
C ILE C 169 4.42 5.76 7.02
N THR C 170 3.89 6.97 7.12
CA THR C 170 2.66 7.23 7.87
C THR C 170 1.41 7.40 7.03
N ASN C 171 1.49 8.22 5.96
CA ASN C 171 0.38 8.57 5.10
C ASN C 171 0.08 7.38 4.17
N PRO C 172 -1.17 6.88 4.15
CA PRO C 172 -1.42 5.69 3.31
C PRO C 172 -1.25 5.96 1.82
N TYR C 173 -1.52 7.18 1.33
CA TYR C 173 -1.27 7.51 -0.08
C TYR C 173 0.22 7.41 -0.42
N ALA C 174 1.10 7.68 0.53
CA ALA C 174 2.51 7.51 0.20
C ALA C 174 2.92 6.04 0.11
N MET C 175 2.30 5.14 0.89
CA MET C 175 2.52 3.72 0.64
C MET C 175 2.08 3.34 -0.77
N ARG C 176 0.89 3.78 -1.19
N ARG C 176 0.88 3.77 -1.18
CA ARG C 176 0.42 3.45 -2.53
CA ARG C 176 0.42 3.46 -2.53
C ARG C 176 1.42 3.88 -3.58
C ARG C 176 1.42 3.88 -3.58
N LEU C 177 1.95 5.11 -3.45
CA LEU C 177 2.94 5.61 -4.40
C LEU C 177 4.25 4.84 -4.33
N TYR C 178 4.71 4.51 -3.12
CA TYR C 178 5.99 3.79 -3.03
C TYR C 178 5.89 2.40 -3.64
N GLU C 179 4.71 1.78 -3.60
CA GLU C 179 4.52 0.47 -4.21
C GLU C 179 4.57 0.61 -5.73
N SER C 180 3.82 1.54 -6.30
N SER C 180 3.81 1.55 -6.29
CA SER C 180 3.72 1.58 -7.75
CA SER C 180 3.69 1.67 -7.74
C SER C 180 5.01 2.02 -8.39
C SER C 180 4.98 2.06 -8.39
N LEU C 181 5.92 2.67 -7.64
CA LEU C 181 7.27 2.90 -8.14
C LEU C 181 8.10 1.63 -8.14
N CYS C 182 7.96 0.78 -7.10
CA CYS C 182 8.69 -0.48 -7.03
C CYS C 182 8.41 -1.38 -8.23
N GLN C 183 7.17 -1.39 -8.69
CA GLN C 183 6.78 -2.16 -9.86
C GLN C 183 7.67 -1.88 -11.07
N TYR C 184 8.34 -0.73 -11.12
CA TYR C 184 9.17 -0.41 -12.27
C TYR C 184 10.68 -0.44 -11.97
N ARG C 185 11.06 -0.86 -10.77
CA ARG C 185 12.48 -0.79 -10.38
C ARG C 185 13.34 -1.83 -11.11
N LYS C 186 14.61 -1.46 -11.39
CA LYS C 186 15.58 -2.38 -11.99
C LYS C 186 16.43 -2.98 -10.87
N PRO C 187 17.08 -4.13 -11.12
CA PRO C 187 17.95 -4.78 -10.11
C PRO C 187 18.86 -3.84 -9.33
N ASP C 188 19.55 -2.92 -10.04
CA ASP C 188 20.51 -2.01 -9.40
C ASP C 188 19.85 -1.00 -8.45
N GLY C 189 18.61 -0.60 -8.70
CA GLY C 189 17.88 0.13 -7.68
C GLY C 189 17.30 1.44 -8.19
N SER C 190 17.38 1.66 -9.49
CA SER C 190 16.94 2.89 -10.10
C SER C 190 15.71 2.66 -10.98
N GLY C 191 15.04 3.75 -11.35
CA GLY C 191 13.94 3.65 -12.30
C GLY C 191 13.35 5.01 -12.69
N ILE C 192 12.46 4.96 -13.68
CA ILE C 192 11.75 6.13 -14.21
C ILE C 192 10.37 5.74 -14.78
N VAL C 193 9.34 6.53 -14.46
CA VAL C 193 7.98 6.19 -14.87
C VAL C 193 7.10 7.44 -14.99
N SER C 194 6.14 7.40 -15.93
CA SER C 194 5.17 8.48 -16.12
C SER C 194 3.77 8.01 -15.73
N LEU C 195 3.19 8.64 -14.70
CA LEU C 195 1.84 8.31 -14.25
C LEU C 195 0.87 9.43 -14.62
N LYS C 196 -0.30 9.06 -15.12
CA LYS C 196 -1.31 10.04 -15.48
C LYS C 196 -2.09 10.54 -14.25
N ILE C 197 -2.41 11.84 -14.22
CA ILE C 197 -3.03 12.38 -13.02
C ILE C 197 -4.41 11.78 -12.81
N ASP C 198 -5.22 11.64 -13.85
CA ASP C 198 -6.53 11.01 -13.67
C ASP C 198 -6.44 9.60 -13.12
N TRP C 199 -5.46 8.83 -13.56
CA TRP C 199 -5.31 7.46 -13.08
C TRP C 199 -4.92 7.40 -11.61
N ILE C 200 -4.05 8.32 -11.16
CA ILE C 200 -3.75 8.44 -9.74
C ILE C 200 -5.00 8.72 -8.94
N ILE C 201 -5.86 9.62 -9.42
CA ILE C 201 -7.02 9.98 -8.60
C ILE C 201 -8.00 8.82 -8.49
N GLU C 202 -8.18 8.06 -9.58
N GLU C 202 -8.17 8.03 -9.55
CA GLU C 202 -9.12 6.94 -9.64
CA GLU C 202 -9.17 6.97 -9.45
C GLU C 202 -8.62 5.74 -8.83
C GLU C 202 -8.61 5.73 -8.74
N ARG C 203 -7.34 5.39 -9.00
CA ARG C 203 -6.76 4.21 -8.40
C ARG C 203 -6.50 4.39 -6.91
N TYR C 204 -5.97 5.54 -6.50
CA TYR C 204 -5.68 5.73 -5.08
C TYR C 204 -6.89 6.26 -4.32
N GLN C 205 -8.01 6.46 -5.02
N GLN C 205 -8.01 6.52 -5.01
CA GLN C 205 -9.23 7.05 -4.46
CA GLN C 205 -9.22 6.99 -4.35
C GLN C 205 -8.91 8.24 -3.57
C GLN C 205 -8.96 8.28 -3.57
N LEU C 206 -8.19 9.18 -4.16
CA LEU C 206 -7.95 10.45 -3.52
C LEU C 206 -9.27 11.19 -3.30
N PRO C 207 -9.36 12.02 -2.25
CA PRO C 207 -10.62 12.72 -1.98
C PRO C 207 -10.86 13.81 -3.02
N GLN C 208 -12.12 14.25 -3.12
CA GLN C 208 -12.60 14.97 -4.31
C GLN C 208 -11.94 16.34 -4.53
N SER C 209 -11.65 17.07 -3.46
CA SER C 209 -11.07 18.40 -3.56
C SER C 209 -9.64 18.40 -4.12
N TYR C 210 -9.02 17.24 -4.27
CA TYR C 210 -7.70 17.17 -4.88
C TYR C 210 -7.79 17.14 -6.39
N GLN C 211 -9.00 17.25 -6.95
CA GLN C 211 -9.14 17.61 -8.36
C GLN C 211 -8.80 19.04 -8.68
N ARG C 212 -8.66 19.92 -7.69
CA ARG C 212 -8.09 21.26 -7.91
C ARG C 212 -6.58 21.12 -7.78
N MET C 213 -5.90 21.36 -8.88
CA MET C 213 -4.48 21.02 -8.96
C MET C 213 -3.64 21.65 -7.85
N PRO C 214 -3.84 22.90 -7.44
CA PRO C 214 -3.01 23.45 -6.35
C PRO C 214 -3.15 22.72 -5.04
N ASP C 215 -4.33 22.15 -4.74
CA ASP C 215 -4.48 21.30 -3.54
C ASP C 215 -3.80 19.93 -3.71
N PHE C 216 -3.88 19.35 -4.91
CA PHE C 216 -3.18 18.10 -5.24
C PHE C 216 -1.69 18.25 -4.93
N ARG C 217 -1.09 19.35 -5.43
CA ARG C 217 0.32 19.66 -5.17
C ARG C 217 0.60 19.76 -3.69
N ARG C 218 -0.20 20.54 -2.98
CA ARG C 218 0.16 20.94 -1.63
C ARG C 218 -0.06 19.80 -0.63
N ARG C 219 -1.15 19.06 -0.76
CA ARG C 219 -1.48 18.11 0.29
C ARG C 219 -1.16 16.65 -0.04
N PHE C 220 -0.88 16.31 -1.30
CA PHE C 220 -0.55 14.93 -1.66
C PHE C 220 0.84 14.83 -2.28
N LEU C 221 1.06 15.45 -3.43
CA LEU C 221 2.30 15.24 -4.16
C LEU C 221 3.51 15.67 -3.35
N GLN C 222 3.57 16.94 -2.92
CA GLN C 222 4.75 17.43 -2.21
C GLN C 222 5.00 16.70 -0.90
N VAL C 223 3.94 16.40 -0.15
CA VAL C 223 4.12 15.79 1.17
C VAL C 223 4.68 14.39 1.04
N CYS C 224 4.15 13.62 0.07
CA CYS C 224 4.53 12.22 -0.09
C CYS C 224 5.88 12.03 -0.72
N VAL C 225 6.30 12.92 -1.60
CA VAL C 225 7.67 12.85 -2.07
C VAL C 225 8.64 13.16 -0.90
N ASN C 226 8.18 13.87 0.12
N ASN C 226 8.17 13.89 0.11
CA ASN C 226 9.06 14.21 1.23
CA ASN C 226 9.03 14.21 1.23
C ASN C 226 9.10 13.15 2.33
C ASN C 226 9.15 13.04 2.21
N GLU C 227 8.05 12.34 2.48
CA GLU C 227 8.16 11.15 3.36
C GLU C 227 9.10 10.12 2.76
N ILE C 228 8.89 9.75 1.50
CA ILE C 228 9.75 8.78 0.86
C ILE C 228 11.21 9.19 0.99
N ASN C 229 11.51 10.46 0.71
CA ASN C 229 12.87 10.94 0.83
C ASN C 229 13.41 10.90 2.27
N SER C 230 12.53 10.91 3.28
CA SER C 230 12.97 10.93 4.68
C SER C 230 12.91 9.59 5.40
N ARG C 231 12.14 8.63 4.88
CA ARG C 231 11.77 7.43 5.62
C ARG C 231 12.12 6.14 4.88
N THR C 232 12.56 6.20 3.61
CA THR C 232 12.95 5.00 2.87
C THR C 232 14.38 5.12 2.37
N PRO C 233 14.97 4.03 1.85
CA PRO C 233 16.30 4.13 1.24
C PRO C 233 16.30 4.63 -0.20
N MET C 234 15.22 5.24 -0.69
N MET C 234 15.23 5.30 -0.62
CA MET C 234 15.21 5.67 -2.07
CA MET C 234 15.05 5.72 -2.00
C MET C 234 15.10 7.18 -2.19
C MET C 234 15.22 7.23 -2.09
N ARG C 235 15.75 7.69 -3.21
CA ARG C 235 15.92 9.13 -3.46
C ARG C 235 15.14 9.50 -4.71
N LEU C 236 14.11 10.35 -4.55
CA LEU C 236 13.05 10.51 -5.53
C LEU C 236 12.96 11.96 -6.02
N SER C 237 12.77 12.15 -7.35
CA SER C 237 12.53 13.47 -7.95
C SER C 237 11.38 13.39 -8.96
N TYR C 238 10.86 14.54 -9.41
CA TYR C 238 9.75 14.47 -10.36
C TYR C 238 9.66 15.76 -11.17
N ILE C 239 8.88 15.69 -12.26
CA ILE C 239 8.58 16.85 -13.09
C ILE C 239 7.19 16.70 -13.72
N GLU C 240 6.58 17.83 -14.03
CA GLU C 240 5.22 17.91 -14.51
C GLU C 240 5.16 17.99 -16.02
N LYS C 241 4.23 17.27 -16.61
CA LYS C 241 3.98 17.33 -18.05
C LYS C 241 2.70 18.13 -18.24
N LYS C 242 2.71 19.09 -19.15
CA LYS C 242 1.54 19.91 -19.36
C LYS C 242 1.08 19.74 -20.80
N LYS C 243 -0.18 20.04 -21.01
CA LYS C 243 -0.80 20.08 -22.32
C LYS C 243 -1.76 21.25 -22.24
N GLY C 244 -1.43 22.35 -22.92
CA GLY C 244 -2.20 23.58 -22.73
C GLY C 244 -1.99 24.15 -21.33
N ARG C 245 -3.09 24.49 -20.67
CA ARG C 245 -3.00 24.94 -19.28
C ARG C 245 -3.02 23.80 -18.26
N GLN C 246 -3.45 22.60 -18.66
CA GLN C 246 -3.60 21.52 -17.72
C GLN C 246 -2.34 20.68 -17.55
N THR C 247 -2.09 20.29 -16.32
CA THR C 247 -1.04 19.36 -16.03
C THR C 247 -1.68 17.99 -16.07
N THR C 248 -1.11 17.10 -16.89
CA THR C 248 -1.70 15.80 -17.22
C THR C 248 -0.95 14.61 -16.65
N HIS C 249 0.39 14.63 -16.60
CA HIS C 249 1.16 13.52 -16.05
C HIS C 249 2.21 14.02 -15.07
N ILE C 250 2.73 13.11 -14.24
CA ILE C 250 3.88 13.40 -13.41
C ILE C 250 4.93 12.34 -13.74
N VAL C 251 6.17 12.76 -13.99
CA VAL C 251 7.23 11.84 -14.39
C VAL C 251 8.23 11.66 -13.24
N PHE C 252 8.34 10.44 -12.71
CA PHE C 252 9.17 10.14 -11.56
C PHE C 252 10.47 9.44 -11.96
N SER C 253 11.60 9.93 -11.45
CA SER C 253 12.90 9.27 -11.49
C SER C 253 13.42 9.05 -10.09
N PHE C 254 14.11 7.92 -9.87
CA PHE C 254 14.66 7.61 -8.57
C PHE C 254 15.90 6.71 -8.67
N ARG C 255 16.73 6.76 -7.62
CA ARG C 255 17.88 5.89 -7.46
C ARG C 255 17.89 5.43 -6.01
N ASP C 256 18.82 4.54 -5.67
CA ASP C 256 18.96 3.99 -4.34
C ASP C 256 20.19 4.65 -3.72
N ILE C 257 20.12 4.87 -2.40
CA ILE C 257 21.20 5.55 -1.68
C ILE C 257 22.35 4.58 -1.33
N THR C 258 22.32 3.36 -1.86
CA THR C 258 23.50 2.47 -1.83
C THR C 258 24.27 2.52 -3.16
N SER C 259 24.72 3.72 -3.53
CA SER C 259 25.52 3.93 -4.76
C SER C 259 26.22 5.29 -4.74
#